data_6B80
#
_entry.id   6B80
#
_cell.length_a   50.545
_cell.length_b   62.795
_cell.length_c   86.848
_cell.angle_alpha   90.000
_cell.angle_beta   90.000
_cell.angle_gamma   90.000
#
_symmetry.space_group_name_H-M   'P 21 21 21'
#
loop_
_entity.id
_entity.type
_entity.pdbx_description
1 polymer 'Basic phospholipase A2 homolog 2'
2 non-polymer 'MYRISTIC ACID'
3 non-polymer 'SULFATE ION'
4 non-polymer 2-{2-[2-(2-{2-[2-(2-ETHOXY-ETHOXY)-ETHOXY]-ETHOXY}-ETHOXY)-ETHOXY]-ETHOXY}-ETHANOL
5 water water
#
_entity_poly.entity_id   1
_entity_poly.type   'polypeptide(L)'
_entity_poly.pdbx_seq_one_letter_code
;SLFELGKMILQETGKNPAKSYGVYGCNCGVGGRGKPKDATDRCCYVHKCCYKKLTGCDPKKDRYSYSWKDKTIVCGENNS
CLKELCECDKAVAICLRENLDTYNKKYRYNYLKPFCKKADPC
;
_entity_poly.pdbx_strand_id   A,B
#
# COMPACT_ATOMS: atom_id res chain seq x y z
N SER A 1 6.40 -4.66 10.88
CA SER A 1 5.49 -3.74 10.20
C SER A 1 5.97 -3.57 8.76
N LEU A 2 5.22 -2.79 7.99
CA LEU A 2 5.60 -2.52 6.59
C LEU A 2 7.03 -1.98 6.48
N PHE A 3 7.46 -1.21 7.47
CA PHE A 3 8.83 -0.74 7.45
C PHE A 3 9.85 -1.89 7.40
N GLU A 4 9.80 -2.79 8.38
CA GLU A 4 10.71 -3.94 8.36
C GLU A 4 10.54 -4.75 7.10
N LEU A 5 9.31 -4.95 6.68
CA LEU A 5 9.06 -5.81 5.51
C LEU A 5 9.70 -5.21 4.25
N GLY A 6 9.48 -3.91 4.01
CA GLY A 6 10.05 -3.29 2.83
C GLY A 6 11.58 -3.28 2.87
N LYS A 7 12.13 -3.08 4.06
CA LYS A 7 13.57 -3.09 4.21
C LYS A 7 14.18 -4.47 3.91
N MET A 8 13.54 -5.53 4.42
CA MET A 8 14.04 -6.87 4.12
C MET A 8 13.98 -7.16 2.62
N ILE A 9 12.87 -6.79 1.99
CA ILE A 9 12.74 -7.00 0.56
C ILE A 9 13.87 -6.31 -0.22
N LEU A 10 14.13 -5.06 0.12
CA LEU A 10 15.28 -4.36 -0.46
C LEU A 10 16.61 -5.08 -0.21
N GLN A 11 16.83 -5.54 1.03
CA GLN A 11 18.11 -6.17 1.37
C GLN A 11 18.27 -7.49 0.64
N GLU A 12 17.17 -8.23 0.52
CA GLU A 12 17.25 -9.50 -0.18
C GLU A 12 17.31 -9.37 -1.73
N THR A 13 16.43 -8.54 -2.30
CA THR A 13 16.32 -8.46 -3.76
C THR A 13 17.19 -7.38 -4.37
N GLY A 14 17.48 -6.36 -3.56
CA GLY A 14 18.19 -5.19 -4.06
C GLY A 14 17.30 -4.21 -4.81
N LYS A 15 16.00 -4.50 -4.82
CA LYS A 15 15.03 -3.67 -5.55
C LYS A 15 14.14 -2.86 -4.63
N ASN A 16 13.83 -1.65 -5.07
CA ASN A 16 12.84 -0.81 -4.41
C ASN A 16 11.57 -1.66 -4.21
N PRO A 17 11.22 -1.93 -2.94
CA PRO A 17 10.15 -2.92 -2.68
C PRO A 17 8.75 -2.47 -3.10
N ALA A 18 8.35 -1.24 -2.77
CA ALA A 18 7.03 -0.77 -3.17
C ALA A 18 6.96 -0.70 -4.67
N LYS A 19 8.09 -0.32 -5.29
CA LYS A 19 8.11 -0.18 -6.73
C LYS A 19 7.90 -1.54 -7.41
N SER A 20 8.66 -2.55 -7.00
CA SER A 20 8.59 -3.85 -7.66
C SER A 20 7.40 -4.70 -7.24
N TYR A 21 6.96 -4.53 -6.00
CA TYR A 21 6.03 -5.48 -5.41
C TYR A 21 4.77 -4.86 -4.81
N GLY A 22 4.65 -3.55 -4.83
CA GLY A 22 3.50 -2.91 -4.20
C GLY A 22 2.17 -3.23 -4.86
N VAL A 23 2.20 -3.50 -6.16
CA VAL A 23 0.96 -3.79 -6.89
C VAL A 23 1.17 -4.97 -7.85
N TYR A 24 2.13 -5.83 -7.53
CA TYR A 24 2.48 -6.94 -8.43
C TYR A 24 1.50 -8.12 -8.36
N GLY A 25 1.11 -8.60 -9.53
CA GLY A 25 0.33 -9.82 -9.66
C GLY A 25 -0.99 -9.76 -8.91
N CYS A 26 -1.46 -10.92 -8.50
CA CYS A 26 -2.71 -11.03 -7.80
C CYS A 26 -2.49 -11.12 -6.31
N ASN A 27 -1.23 -11.17 -5.87
CA ASN A 27 -0.93 -11.40 -4.46
C ASN A 27 0.02 -10.43 -3.77
N CYS A 28 0.86 -9.74 -4.54
CA CYS A 28 1.89 -8.89 -3.95
C CYS A 28 1.36 -7.49 -3.64
N GLY A 29 1.63 -7.02 -2.41
CA GLY A 29 1.41 -5.63 -2.04
C GLY A 29 -0.03 -5.37 -1.63
N VAL A 30 -0.59 -4.27 -2.15
CA VAL A 30 -1.94 -3.85 -1.80
C VAL A 30 -2.96 -4.95 -2.08
N GLY A 31 -4.07 -4.91 -1.34
CA GLY A 31 -5.17 -5.83 -1.59
C GLY A 31 -4.96 -7.20 -0.99
N GLY A 32 -5.71 -8.17 -1.50
CA GLY A 32 -5.69 -9.52 -0.95
C GLY A 32 -4.96 -10.57 -1.76
N ARG A 33 -5.40 -11.82 -1.62
CA ARG A 33 -4.80 -12.94 -2.36
C ARG A 33 -5.66 -13.22 -3.58
N GLY A 34 -5.10 -13.96 -4.53
CA GLY A 34 -5.84 -14.38 -5.71
C GLY A 34 -5.00 -15.44 -6.37
N LYS A 35 -5.52 -16.05 -7.45
CA LYS A 35 -4.75 -17.05 -8.20
C LYS A 35 -3.41 -16.42 -8.58
N PRO A 36 -2.31 -17.05 -8.16
CA PRO A 36 -0.98 -16.47 -8.44
C PRO A 36 -0.67 -16.43 -9.94
N LYS A 37 -0.03 -15.34 -10.39
CA LYS A 37 0.33 -15.17 -11.79
C LYS A 37 1.65 -15.88 -12.10
N ASP A 38 2.52 -16.00 -11.10
CA ASP A 38 3.82 -16.64 -11.28
C ASP A 38 4.48 -16.93 -9.93
N ALA A 39 5.76 -17.28 -9.98
CA ALA A 39 6.49 -17.66 -8.78
C ALA A 39 6.62 -16.47 -7.81
N THR A 40 6.94 -15.29 -8.34
CA THR A 40 7.01 -14.11 -7.49
C THR A 40 5.68 -13.88 -6.78
N ASP A 41 4.60 -13.91 -7.55
CA ASP A 41 3.24 -13.74 -7.05
C ASP A 41 2.95 -14.77 -5.96
N ARG A 42 3.30 -16.02 -6.24
CA ARG A 42 3.17 -17.12 -5.27
C ARG A 42 3.86 -16.84 -3.93
N CYS A 43 5.06 -16.25 -3.99
CA CYS A 43 5.77 -15.86 -2.76
C CYS A 43 4.85 -15.01 -1.91
N CYS A 44 4.19 -14.04 -2.54
CA CYS A 44 3.38 -13.09 -1.81
C CYS A 44 2.11 -13.75 -1.28
N TYR A 45 1.56 -14.66 -2.07
CA TYR A 45 0.43 -15.48 -1.64
C TYR A 45 0.77 -16.17 -0.32
N VAL A 46 1.93 -16.81 -0.26
CA VAL A 46 2.35 -17.56 0.93
C VAL A 46 2.53 -16.59 2.10
N HIS A 47 3.09 -15.42 1.78
CA HIS A 47 3.31 -14.40 2.78
C HIS A 47 1.98 -13.91 3.39
N LYS A 48 1.00 -13.68 2.52
CA LYS A 48 -0.30 -13.24 2.98
C LYS A 48 -0.98 -14.32 3.85
N CYS A 49 -0.77 -15.59 3.49
CA CYS A 49 -1.28 -16.70 4.31
C CYS A 49 -0.52 -16.79 5.65
N CYS A 50 0.79 -16.56 5.59
CA CYS A 50 1.60 -16.46 6.81
C CYS A 50 0.99 -15.40 7.75
N TYR A 51 0.66 -14.23 7.19
CA TYR A 51 0.05 -13.14 7.97
C TYR A 51 -1.27 -13.56 8.57
N LYS A 52 -2.04 -14.34 7.83
CA LYS A 52 -3.40 -14.76 8.25
C LYS A 52 -3.41 -15.42 9.61
N LYS A 53 -2.41 -16.23 9.86
CA LYS A 53 -2.42 -17.11 11.02
C LYS A 53 -1.70 -16.51 12.23
N LEU A 54 -1.17 -15.29 12.09
CA LEU A 54 -0.57 -14.60 13.24
C LEU A 54 -1.65 -14.14 14.19
N THR A 55 -1.32 -14.15 15.49
CA THR A 55 -2.20 -13.58 16.53
C THR A 55 -1.33 -12.89 17.56
N GLY A 56 -1.81 -11.78 18.13
CA GLY A 56 -1.05 -11.15 19.19
C GLY A 56 -0.42 -9.83 18.79
N CYS A 57 -0.19 -9.64 17.50
CA CYS A 57 0.40 -8.42 16.98
C CYS A 57 -0.20 -8.09 15.60
N ASP A 58 0.03 -6.88 15.14
CA ASP A 58 -0.52 -6.44 13.87
C ASP A 58 0.61 -6.42 12.85
N PRO A 59 0.47 -7.26 11.80
CA PRO A 59 1.57 -7.46 10.85
C PRO A 59 1.96 -6.22 10.07
N LYS A 60 1.01 -5.34 9.79
CA LYS A 60 1.37 -4.19 8.98
C LYS A 60 1.89 -3.05 9.83
N LYS A 61 1.43 -2.99 11.09
CA LYS A 61 1.71 -1.84 11.96
C LYS A 61 2.86 -2.04 12.97
N ASP A 62 3.12 -3.29 13.35
CA ASP A 62 3.93 -3.51 14.56
C ASP A 62 5.41 -3.67 14.24
N ARG A 63 6.23 -2.77 14.76
CA ARG A 63 7.67 -2.83 14.54
C ARG A 63 8.24 -4.05 15.26
N TYR A 64 9.40 -4.53 14.81
CA TYR A 64 10.10 -5.60 15.52
C TYR A 64 11.59 -5.45 15.26
N SER A 65 12.38 -6.22 16.00
CA SER A 65 13.83 -6.14 15.84
C SER A 65 14.36 -7.26 14.97
N TYR A 66 15.22 -6.92 14.03
CA TYR A 66 16.03 -7.96 13.41
C TYR A 66 17.36 -7.34 13.04
N SER A 67 18.33 -8.17 12.67
CA SER A 67 19.64 -7.65 12.35
C SER A 67 20.11 -8.22 11.03
N TRP A 68 21.13 -7.59 10.47
CA TRP A 68 21.73 -8.03 9.22
C TRP A 68 23.09 -8.59 9.60
N LYS A 69 23.18 -9.92 9.68
CA LYS A 69 24.40 -10.60 10.15
C LYS A 69 24.94 -11.47 9.03
N ASP A 70 26.14 -11.18 8.57
CA ASP A 70 26.71 -11.88 7.42
C ASP A 70 25.70 -11.97 6.29
N LYS A 71 25.15 -10.80 5.96
CA LYS A 71 24.18 -10.64 4.90
C LYS A 71 23.03 -11.62 5.03
N THR A 72 22.73 -11.96 6.28
CA THR A 72 21.55 -12.77 6.58
C THR A 72 20.62 -11.99 7.49
N ILE A 73 19.32 -12.03 7.17
CA ILE A 73 18.31 -11.47 8.06
C ILE A 73 18.18 -12.40 9.26
N VAL A 74 18.41 -11.86 10.45
CA VAL A 74 18.32 -12.62 11.68
C VAL A 74 17.23 -11.99 12.54
N CYS A 75 16.13 -12.70 12.73
CA CYS A 75 15.02 -12.12 13.47
C CYS A 75 15.39 -12.07 14.93
N GLY A 76 15.14 -10.93 15.59
CA GLY A 76 15.33 -10.88 17.02
C GLY A 76 14.34 -11.82 17.69
N GLU A 77 14.60 -12.19 18.94
CA GLU A 77 13.67 -13.03 19.69
C GLU A 77 12.31 -12.33 19.86
N ASN A 78 12.33 -11.00 20.00
CA ASN A 78 11.09 -10.22 20.11
C ASN A 78 10.10 -10.88 21.07
N ASN A 79 8.87 -11.12 20.59
CA ASN A 79 7.95 -12.00 21.30
C ASN A 79 7.35 -13.00 20.29
N SER A 80 6.48 -13.89 20.75
CA SER A 80 5.97 -14.94 19.84
C SER A 80 5.41 -14.39 18.53
N CYS A 81 4.47 -13.45 18.60
CA CYS A 81 3.86 -12.95 17.38
C CYS A 81 4.89 -12.15 16.55
N LEU A 82 5.62 -11.25 17.19
CA LEU A 82 6.57 -10.42 16.45
C LEU A 82 7.67 -11.25 15.80
N LYS A 83 8.06 -12.35 16.44
CA LYS A 83 9.06 -13.23 15.83
C LYS A 83 8.51 -13.98 14.64
N GLU A 84 7.27 -14.47 14.79
CA GLU A 84 6.62 -15.19 13.70
C GLU A 84 6.45 -14.26 12.49
N LEU A 85 6.12 -13.01 12.80
CA LEU A 85 5.88 -11.99 11.78
C LEU A 85 7.21 -11.71 11.08
N CYS A 86 8.25 -11.52 11.88
CA CYS A 86 9.59 -11.31 11.35
C CYS A 86 9.98 -12.47 10.43
N GLU A 87 9.66 -13.69 10.83
CA GLU A 87 9.99 -14.82 9.97
C GLU A 87 9.08 -14.87 8.73
N CYS A 88 7.82 -14.48 8.86
CA CYS A 88 6.98 -14.28 7.68
C CYS A 88 7.68 -13.34 6.69
N ASP A 89 8.09 -12.16 7.15
CA ASP A 89 8.71 -11.18 6.28
C ASP A 89 10.02 -11.69 5.69
N LYS A 90 10.86 -12.29 6.54
CA LYS A 90 12.14 -12.80 6.08
C LYS A 90 11.91 -13.79 4.95
N ALA A 91 10.96 -14.70 5.17
CA ALA A 91 10.64 -15.73 4.17
C ALA A 91 10.22 -15.12 2.84
N VAL A 92 9.33 -14.14 2.87
CA VAL A 92 8.92 -13.56 1.60
C VAL A 92 10.05 -12.79 0.92
N ALA A 93 10.87 -12.09 1.69
CA ALA A 93 12.01 -11.38 1.10
C ALA A 93 12.98 -12.34 0.41
N ILE A 94 13.34 -13.43 1.08
CA ILE A 94 14.12 -14.48 0.48
C ILE A 94 13.42 -15.05 -0.78
N CYS A 95 12.13 -15.34 -0.64
CA CYS A 95 11.38 -15.96 -1.75
C CYS A 95 11.41 -15.03 -2.96
N LEU A 96 11.23 -13.73 -2.72
CA LEU A 96 11.19 -12.78 -3.82
C LEU A 96 12.54 -12.71 -4.54
N ARG A 97 13.61 -12.73 -3.75
CA ARG A 97 14.96 -12.78 -4.32
C ARG A 97 15.12 -14.03 -5.16
N GLU A 98 14.66 -15.16 -4.64
CA GLU A 98 14.88 -16.42 -5.32
C GLU A 98 14.14 -16.48 -6.65
N ASN A 99 13.18 -15.58 -6.82
CA ASN A 99 12.35 -15.62 -8.01
C ASN A 99 12.48 -14.39 -8.91
N LEU A 100 13.51 -13.58 -8.66
CA LEU A 100 13.84 -12.46 -9.53
C LEU A 100 14.06 -12.94 -10.94
N ASP A 101 14.56 -14.17 -11.07
CA ASP A 101 14.87 -14.75 -12.38
C ASP A 101 13.64 -14.87 -13.31
N THR A 102 12.42 -14.78 -12.76
CA THR A 102 11.21 -14.84 -13.60
C THR A 102 10.25 -13.66 -13.33
N TYR A 103 10.69 -12.72 -12.48
CA TYR A 103 9.94 -11.49 -12.24
C TYR A 103 9.56 -10.88 -13.57
N ASN A 104 8.31 -10.48 -13.70
CA ASN A 104 7.85 -9.90 -14.96
C ASN A 104 7.26 -8.51 -14.79
N LYS A 105 7.89 -7.51 -15.40
CA LYS A 105 7.47 -6.12 -15.27
C LYS A 105 6.01 -5.88 -15.68
N LYS A 106 5.51 -6.71 -16.58
CA LYS A 106 4.13 -6.54 -17.00
C LYS A 106 3.14 -6.75 -15.86
N TYR A 107 3.57 -7.43 -14.78
CA TYR A 107 2.68 -7.65 -13.64
C TYR A 107 2.84 -6.61 -12.56
N ARG A 108 3.79 -5.70 -12.73
CA ARG A 108 4.19 -4.80 -11.63
C ARG A 108 3.06 -3.87 -11.11
N TYR A 109 2.24 -3.37 -12.01
CA TYR A 109 1.13 -2.51 -11.59
C TYR A 109 -0.19 -3.13 -12.02
N ASN A 110 -0.63 -4.12 -11.28
CA ASN A 110 -1.89 -4.77 -11.60
C ASN A 110 -3.04 -4.05 -10.95
N TYR A 111 -3.58 -3.04 -11.63
CA TYR A 111 -4.72 -2.31 -11.10
C TYR A 111 -6.03 -3.09 -11.23
N LEU A 112 -5.92 -4.34 -11.69
CA LEU A 112 -7.07 -5.22 -11.84
C LEU A 112 -7.03 -6.33 -10.80
N LYS A 113 -6.26 -6.10 -9.73
CA LYS A 113 -6.26 -7.03 -8.59
C LYS A 113 -7.65 -7.50 -8.13
N PRO A 114 -8.65 -6.58 -8.03
CA PRO A 114 -9.93 -7.09 -7.49
C PRO A 114 -10.60 -8.12 -8.39
N PHE A 115 -10.10 -8.29 -9.61
CA PHE A 115 -10.73 -9.18 -10.59
C PHE A 115 -9.93 -10.44 -10.81
N CYS A 116 -8.93 -10.67 -9.95
CA CYS A 116 -8.16 -11.91 -9.98
C CYS A 116 -9.08 -13.05 -9.61
N LYS A 117 -8.80 -14.26 -10.12
CA LYS A 117 -9.56 -15.43 -9.70
C LYS A 117 -9.40 -15.58 -8.19
N LYS A 118 -10.47 -15.97 -7.50
CA LYS A 118 -10.43 -16.15 -6.05
C LYS A 118 -9.35 -17.13 -5.63
N ALA A 119 -8.62 -16.79 -4.57
CA ALA A 119 -7.55 -17.66 -4.10
C ALA A 119 -8.14 -18.81 -3.30
N ASP A 120 -7.46 -19.95 -3.36
CA ASP A 120 -7.77 -21.07 -2.48
C ASP A 120 -7.66 -20.63 -1.01
N PRO A 121 -8.37 -21.33 -0.10
CA PRO A 121 -8.20 -21.04 1.33
C PRO A 121 -6.75 -21.24 1.73
N CYS A 122 -6.25 -20.43 2.65
CA CYS A 122 -4.88 -20.62 3.16
C CYS A 122 -4.69 -22.02 3.73
N SER B 1 -13.29 2.01 -2.36
CA SER B 1 -12.15 1.16 -1.99
C SER B 1 -10.88 1.71 -2.60
N LEU B 2 -9.76 1.03 -2.35
CA LEU B 2 -8.50 1.42 -2.95
C LEU B 2 -8.58 1.42 -4.48
N PHE B 3 -9.36 0.51 -5.05
CA PHE B 3 -9.55 0.48 -6.49
C PHE B 3 -10.10 1.80 -7.02
N GLU B 4 -11.23 2.25 -6.47
CA GLU B 4 -11.83 3.49 -6.92
C GLU B 4 -10.85 4.65 -6.69
N LEU B 5 -10.25 4.69 -5.50
CA LEU B 5 -9.32 5.77 -5.17
C LEU B 5 -8.18 5.85 -6.21
N GLY B 6 -7.59 4.71 -6.54
CA GLY B 6 -6.47 4.69 -7.48
C GLY B 6 -6.94 5.13 -8.86
N LYS B 7 -8.07 4.60 -9.28
CA LYS B 7 -8.65 4.98 -10.56
C LYS B 7 -8.86 6.50 -10.61
N MET B 8 -9.42 7.08 -9.55
CA MET B 8 -9.62 8.54 -9.52
C MET B 8 -8.31 9.33 -9.64
N ILE B 9 -7.30 8.92 -8.88
CA ILE B 9 -6.03 9.61 -8.90
C ILE B 9 -5.40 9.52 -10.30
N LEU B 10 -5.49 8.35 -10.92
CA LEU B 10 -5.02 8.22 -12.30
C LEU B 10 -5.79 9.17 -13.24
N GLN B 11 -7.09 9.25 -13.05
CA GLN B 11 -7.92 10.03 -13.96
C GLN B 11 -7.62 11.52 -13.84
N GLU B 12 -7.42 11.96 -12.60
CA GLU B 12 -7.19 13.38 -12.36
C GLU B 12 -5.74 13.74 -12.70
N THR B 13 -4.78 12.98 -12.19
CA THR B 13 -3.37 13.34 -12.36
C THR B 13 -2.76 12.85 -13.66
N GLY B 14 -3.34 11.80 -14.22
CA GLY B 14 -2.72 11.16 -15.36
C GLY B 14 -1.54 10.28 -14.98
N LYS B 15 -1.27 10.17 -13.69
CA LYS B 15 -0.09 9.48 -13.20
C LYS B 15 -0.44 8.16 -12.53
N ASN B 16 0.41 7.15 -12.77
CA ASN B 16 0.34 5.85 -12.11
C ASN B 16 0.25 6.13 -10.60
N PRO B 17 -0.89 5.80 -9.99
CA PRO B 17 -1.15 6.31 -8.65
C PRO B 17 -0.33 5.60 -7.55
N ALA B 18 -0.17 4.27 -7.57
CA ALA B 18 0.70 3.65 -6.58
C ALA B 18 2.12 4.17 -6.74
N LYS B 19 2.57 4.31 -7.97
CA LYS B 19 3.93 4.77 -8.25
C LYS B 19 4.18 6.13 -7.64
N SER B 20 3.33 7.09 -7.97
CA SER B 20 3.59 8.46 -7.55
C SER B 20 3.24 8.73 -6.09
N TYR B 21 2.27 8.01 -5.56
CA TYR B 21 1.68 8.39 -4.26
C TYR B 21 1.62 7.30 -3.21
N GLY B 22 1.99 6.08 -3.60
CA GLY B 22 1.89 4.95 -2.70
C GLY B 22 2.74 5.06 -1.43
N VAL B 23 3.91 5.68 -1.55
CA VAL B 23 4.77 5.88 -0.38
C VAL B 23 5.28 7.32 -0.31
N TYR B 24 4.49 8.27 -0.78
CA TYR B 24 4.99 9.62 -0.90
C TYR B 24 4.89 10.41 0.41
N GLY B 25 5.96 11.12 0.74
CA GLY B 25 5.92 12.05 1.85
C GLY B 25 5.54 11.37 3.15
N CYS B 26 5.01 12.15 4.09
CA CYS B 26 4.58 11.58 5.35
C CYS B 26 3.12 11.17 5.41
N ASN B 27 2.35 11.47 4.37
CA ASN B 27 0.89 11.26 4.45
C ASN B 27 0.29 10.45 3.32
N CYS B 28 0.98 10.40 2.20
CA CYS B 28 0.41 9.71 1.04
C CYS B 28 0.71 8.22 1.07
N GLY B 29 -0.32 7.41 0.81
CA GLY B 29 -0.15 5.98 0.63
C GLY B 29 -0.21 5.23 1.94
N VAL B 30 0.70 4.27 2.09
CA VAL B 30 0.72 3.41 3.26
C VAL B 30 0.93 4.20 4.54
N GLY B 31 0.52 3.64 5.67
CA GLY B 31 0.79 4.25 6.95
C GLY B 31 -0.26 5.30 7.31
N GLY B 32 0.01 6.07 8.35
CA GLY B 32 -0.95 7.07 8.80
C GLY B 32 -0.60 8.45 8.28
N ARG B 33 -0.86 9.48 9.09
CA ARG B 33 -0.49 10.82 8.73
C ARG B 33 0.81 11.22 9.44
N GLY B 34 1.32 12.40 9.08
CA GLY B 34 2.46 12.95 9.76
C GLY B 34 2.59 14.38 9.32
N LYS B 35 3.57 15.09 9.88
CA LYS B 35 3.87 16.45 9.43
C LYS B 35 4.06 16.43 7.93
N PRO B 36 3.27 17.23 7.21
CA PRO B 36 3.33 17.15 5.75
C PRO B 36 4.60 17.75 5.16
N LYS B 37 5.13 17.15 4.10
CA LYS B 37 6.37 17.62 3.52
C LYS B 37 6.14 18.77 2.54
N ASP B 38 4.98 18.75 1.88
CA ASP B 38 4.67 19.73 0.84
C ASP B 38 3.18 19.70 0.55
N ALA B 39 2.75 20.40 -0.50
CA ALA B 39 1.31 20.54 -0.79
C ALA B 39 0.68 19.21 -1.16
N THR B 40 1.40 18.42 -1.96
CA THR B 40 0.92 17.09 -2.30
C THR B 40 0.71 16.30 -1.03
N ASP B 41 1.67 16.34 -0.13
CA ASP B 41 1.56 15.59 1.11
C ASP B 41 0.34 16.09 1.90
N ARG B 42 0.09 17.38 1.86
CA ARG B 42 -1.06 17.92 2.58
C ARG B 42 -2.37 17.37 2.02
N CYS B 43 -2.46 17.23 0.69
CA CYS B 43 -3.65 16.64 0.07
C CYS B 43 -3.96 15.33 0.75
N CYS B 44 -2.91 14.52 0.94
CA CYS B 44 -3.09 13.20 1.52
C CYS B 44 -3.44 13.28 2.99
N TYR B 45 -2.81 14.21 3.69
CA TYR B 45 -3.14 14.50 5.08
C TYR B 45 -4.62 14.83 5.16
N VAL B 46 -5.10 15.71 4.28
CA VAL B 46 -6.51 16.11 4.34
C VAL B 46 -7.42 14.90 4.07
N HIS B 47 -6.98 14.07 3.13
CA HIS B 47 -7.71 12.86 2.75
C HIS B 47 -7.86 11.91 3.93
N LYS B 48 -6.78 11.65 4.65
CA LYS B 48 -6.86 10.74 5.80
C LYS B 48 -7.74 11.29 6.91
N CYS B 49 -7.72 12.61 7.10
CA CYS B 49 -8.63 13.23 8.07
C CYS B 49 -10.07 13.05 7.62
N CYS B 50 -10.28 13.20 6.31
CA CYS B 50 -11.62 13.07 5.72
C CYS B 50 -12.21 11.70 6.06
N TYR B 51 -11.36 10.67 5.98
CA TYR B 51 -11.77 9.30 6.28
C TYR B 51 -12.29 9.14 7.70
N LYS B 52 -11.73 9.91 8.63
CA LYS B 52 -12.08 9.75 10.03
C LYS B 52 -13.54 10.08 10.36
N LYS B 53 -14.19 10.89 9.52
CA LYS B 53 -15.59 11.26 9.75
C LYS B 53 -16.52 10.13 9.32
N LEU B 54 -15.96 9.16 8.62
CA LEU B 54 -16.77 8.08 8.06
C LEU B 54 -17.18 7.07 9.12
N THR B 55 -18.47 6.80 9.21
CA THR B 55 -18.93 5.65 9.98
C THR B 55 -19.98 4.86 9.20
N GLY B 56 -19.86 3.54 9.25
CA GLY B 56 -20.75 2.67 8.52
C GLY B 56 -20.09 1.96 7.36
N CYS B 57 -18.92 2.45 6.93
CA CYS B 57 -18.23 1.80 5.82
C CYS B 57 -16.71 1.77 5.99
N ASP B 58 -16.04 0.95 5.18
CA ASP B 58 -14.59 0.77 5.24
C ASP B 58 -13.89 1.33 4.00
N PRO B 59 -13.14 2.44 4.16
CA PRO B 59 -12.56 3.19 3.05
C PRO B 59 -11.59 2.36 2.20
N LYS B 60 -10.96 1.35 2.79
CA LYS B 60 -9.99 0.53 2.07
C LYS B 60 -10.65 -0.56 1.23
N LYS B 61 -11.68 -1.21 1.80
CA LYS B 61 -12.29 -2.38 1.16
C LYS B 61 -13.65 -2.15 0.48
N ASP B 62 -14.39 -1.13 0.89
CA ASP B 62 -15.74 -0.96 0.32
C ASP B 62 -15.74 -0.27 -1.03
N ARG B 63 -16.26 -0.99 -2.03
CA ARG B 63 -16.38 -0.44 -3.36
C ARG B 63 -17.60 0.46 -3.42
N TYR B 64 -17.57 1.43 -4.32
CA TYR B 64 -18.69 2.34 -4.49
C TYR B 64 -18.77 2.71 -5.96
N SER B 65 -19.87 3.35 -6.34
CA SER B 65 -20.10 3.69 -7.73
C SER B 65 -19.77 5.14 -7.99
N TYR B 66 -19.03 5.39 -9.06
CA TYR B 66 -18.88 6.74 -9.57
C TYR B 66 -18.71 6.71 -11.06
N SER B 67 -18.90 7.87 -11.70
CA SER B 67 -18.74 7.95 -13.15
C SER B 67 -17.88 9.12 -13.51
N TRP B 68 -17.57 9.18 -14.80
CA TRP B 68 -16.71 10.17 -15.40
C TRP B 68 -17.59 10.90 -16.38
N LYS B 69 -17.97 12.12 -16.02
CA LYS B 69 -18.91 12.88 -16.84
C LYS B 69 -18.23 14.19 -17.16
N ASP B 70 -18.09 14.49 -18.45
CA ASP B 70 -17.42 15.71 -18.86
C ASP B 70 -16.13 15.88 -18.06
N LYS B 71 -15.31 14.83 -18.09
CA LYS B 71 -13.97 14.82 -17.48
C LYS B 71 -14.01 15.24 -16.02
N THR B 72 -15.07 14.80 -15.34
CA THR B 72 -15.26 15.13 -13.93
C THR B 72 -15.66 13.85 -13.23
N ILE B 73 -15.07 13.63 -12.06
CA ILE B 73 -15.46 12.49 -11.23
C ILE B 73 -16.83 12.83 -10.65
N VAL B 74 -17.81 11.97 -10.86
CA VAL B 74 -19.15 12.19 -10.31
C VAL B 74 -19.54 11.08 -9.37
N CYS B 75 -19.60 11.39 -8.08
CA CYS B 75 -19.90 10.35 -7.10
C CYS B 75 -21.31 9.86 -7.23
N GLY B 76 -21.43 8.55 -7.32
CA GLY B 76 -22.71 7.93 -7.55
C GLY B 76 -23.58 7.86 -6.33
N GLU B 77 -24.85 8.01 -6.62
CA GLU B 77 -25.91 7.22 -6.05
C GLU B 77 -25.32 5.99 -5.36
N ASN B 78 -25.05 6.11 -4.06
CA ASN B 78 -24.58 5.00 -3.24
C ASN B 78 -25.41 5.00 -1.97
N ASN B 79 -24.77 4.95 -0.81
CA ASN B 79 -25.41 5.28 0.47
C ASN B 79 -24.64 6.39 1.18
N SER B 80 -25.09 6.78 2.36
CA SER B 80 -24.52 7.95 3.03
C SER B 80 -23.01 7.86 3.25
N CYS B 81 -22.55 6.74 3.80
CA CYS B 81 -21.12 6.60 4.08
C CYS B 81 -20.32 6.43 2.80
N LEU B 82 -20.83 5.60 1.89
CA LEU B 82 -20.15 5.38 0.61
C LEU B 82 -20.08 6.68 -0.22
N LYS B 83 -21.12 7.51 -0.13
CA LYS B 83 -21.14 8.80 -0.81
C LYS B 83 -20.04 9.71 -0.27
N GLU B 84 -19.95 9.84 1.04
CA GLU B 84 -18.94 10.71 1.64
C GLU B 84 -17.56 10.14 1.39
N LEU B 85 -17.46 8.81 1.35
CA LEU B 85 -16.19 8.15 1.06
C LEU B 85 -15.75 8.55 -0.32
N CYS B 86 -16.68 8.42 -1.26
CA CYS B 86 -16.40 8.71 -2.66
C CYS B 86 -16.01 10.17 -2.79
N GLU B 87 -16.65 11.03 -2.01
CA GLU B 87 -16.31 12.44 -2.04
C GLU B 87 -14.94 12.73 -1.43
N CYS B 88 -14.54 11.98 -0.40
CA CYS B 88 -13.18 12.11 0.13
C CYS B 88 -12.17 11.75 -0.97
N ASP B 89 -12.45 10.65 -1.68
CA ASP B 89 -11.53 10.16 -2.70
C ASP B 89 -11.42 11.12 -3.87
N LYS B 90 -12.56 11.67 -4.27
CA LYS B 90 -12.58 12.60 -5.38
C LYS B 90 -11.74 13.83 -5.04
N ALA B 91 -11.90 14.28 -3.80
CA ALA B 91 -11.25 15.50 -3.36
C ALA B 91 -9.75 15.29 -3.31
N VAL B 92 -9.29 14.11 -2.91
CA VAL B 92 -7.84 13.95 -2.88
C VAL B 92 -7.29 13.80 -4.29
N ALA B 93 -8.04 13.16 -5.19
CA ALA B 93 -7.53 13.03 -6.54
C ALA B 93 -7.40 14.42 -7.20
N ILE B 94 -8.36 15.30 -6.93
CA ILE B 94 -8.34 16.67 -7.47
C ILE B 94 -7.16 17.46 -6.89
N CYS B 95 -6.96 17.34 -5.58
CA CYS B 95 -5.92 18.07 -4.86
C CYS B 95 -4.54 17.64 -5.35
N LEU B 96 -4.38 16.35 -5.56
CA LEU B 96 -3.12 15.80 -6.05
C LEU B 96 -2.84 16.36 -7.43
N ARG B 97 -3.88 16.39 -8.27
CA ARG B 97 -3.75 16.98 -9.60
C ARG B 97 -3.35 18.45 -9.50
N GLU B 98 -4.02 19.19 -8.62
CA GLU B 98 -3.78 20.61 -8.53
C GLU B 98 -2.37 20.89 -8.03
N ASN B 99 -1.75 19.93 -7.35
CA ASN B 99 -0.40 20.19 -6.81
C ASN B 99 0.71 19.45 -7.53
N LEU B 100 0.39 19.00 -8.75
CA LEU B 100 1.41 18.41 -9.60
C LEU B 100 2.57 19.37 -9.81
N ASP B 101 2.29 20.67 -9.79
CA ASP B 101 3.34 21.67 -10.05
C ASP B 101 4.47 21.61 -9.04
N THR B 102 4.20 21.10 -7.84
CA THR B 102 5.23 20.99 -6.80
C THR B 102 5.53 19.57 -6.37
N TYR B 103 4.94 18.59 -7.05
CA TYR B 103 5.25 17.19 -6.78
C TYR B 103 6.76 17.00 -6.84
N ASN B 104 7.35 16.35 -5.83
CA ASN B 104 8.79 16.18 -5.81
C ASN B 104 9.13 14.70 -5.74
N LYS B 105 9.74 14.20 -6.82
CA LYS B 105 10.10 12.80 -6.93
C LYS B 105 10.94 12.32 -5.77
N LYS B 106 11.68 13.22 -5.15
CA LYS B 106 12.54 12.80 -4.07
C LYS B 106 11.73 12.37 -2.83
N TYR B 107 10.45 12.71 -2.80
CA TYR B 107 9.59 12.28 -1.69
C TYR B 107 8.81 11.02 -2.05
N ARG B 108 9.03 10.51 -3.28
CA ARG B 108 8.13 9.47 -3.83
C ARG B 108 8.15 8.17 -3.03
N TYR B 109 9.33 7.79 -2.55
CA TYR B 109 9.48 6.53 -1.85
C TYR B 109 10.02 6.79 -0.47
N ASN B 110 9.16 7.30 0.40
CA ASN B 110 9.60 7.63 1.75
C ASN B 110 9.54 6.44 2.68
N TYR B 111 10.57 5.63 2.67
CA TYR B 111 10.59 4.48 3.53
C TYR B 111 10.87 4.89 4.98
N LEU B 112 11.04 6.19 5.19
CA LEU B 112 11.28 6.74 6.53
C LEU B 112 9.99 7.29 7.14
N LYS B 113 8.85 6.96 6.53
CA LYS B 113 7.52 7.28 7.10
C LYS B 113 7.34 7.12 8.61
N PRO B 114 7.80 5.98 9.19
CA PRO B 114 7.59 5.80 10.64
C PRO B 114 8.27 6.88 11.46
N PHE B 115 9.19 7.64 10.87
CA PHE B 115 9.94 8.65 11.62
C PHE B 115 9.49 10.09 11.35
N CYS B 116 8.46 10.23 10.54
CA CYS B 116 7.80 11.51 10.33
C CYS B 116 7.32 12.04 11.66
N LYS B 117 7.36 13.36 11.82
CA LYS B 117 6.88 13.99 13.05
C LYS B 117 5.38 13.75 13.16
N LYS B 118 4.91 13.53 14.38
CA LYS B 118 3.54 13.17 14.65
C LYS B 118 2.57 14.21 14.08
N ALA B 119 1.55 13.74 13.39
CA ALA B 119 0.54 14.63 12.82
C ALA B 119 -0.26 15.29 13.92
N ASP B 120 -0.69 16.52 13.66
CA ASP B 120 -1.59 17.23 14.56
C ASP B 120 -2.99 16.67 14.35
N PRO B 121 -3.90 16.89 15.32
CA PRO B 121 -5.23 16.32 15.13
C PRO B 121 -5.94 16.92 13.93
N CYS B 122 -6.89 16.17 13.38
CA CYS B 122 -7.61 16.61 12.20
C CYS B 122 -8.54 17.78 12.53
#